data_7UWI
#
_entry.id   7UWI
#
_cell.length_a   49.680
_cell.length_b   91.810
_cell.length_c   113.350
_cell.angle_alpha   90.000
_cell.angle_beta   90.000
_cell.angle_gamma   90.000
#
_symmetry.space_group_name_H-M   'P 21 21 21'
#
loop_
_entity.id
_entity.type
_entity.pdbx_description
1 polymer 'Catenin beta-1'
2 polymer 'Helicon Polypeptide FP01567'
3 non-polymer 'PHOSPHATE ION'
4 non-polymer GLYCEROL
5 non-polymer "N,N'-(1,4-phenylene)diacetamide"
6 water water
#
loop_
_entity_poly.entity_id
_entity_poly.type
_entity_poly.pdbx_seq_one_letter_code
_entity_poly.pdbx_strand_id
1 'polypeptide(L)'
;QDDAELATRAIPELTKLLNDEDQVVVNKAAVMVHQLSKKEASRHAIMRSPQMVSAIVRTMQNTNDVETARCTAGTLHNLS
HHREGLLAIFKSGGIPALVKMLGSPVDSVLFYAITTLHNLLLHQEGAKMAVRLAGGLQKMVALLNKTNVKFLAITTDCLQ
ILAYGNQESKLIILASGGPQALVNIMRTYTYEKLLWTTSRVLKVLSVCSSNKPAIVEAGGMQALGLHLTDPSQRLVQNCL
WTLRNLSDAATKQEGMEGLLGTLVQLLGSDDINVVTCAAGILSNLTCNNYKNKMMVCQVGGIEALVRTVLRAGDREDITE
PAICALRHLTSRHQEAEMAQNAVRLHYGLPVVVKLLHPPSHWPLIKATVGLIRNLALCPANHAPLREQGAIPRLVQLLVR
AHQDTQRRTSMGGTQQQFVEGVRMEEIVEGCTGALHILARDVHNRIVIRGLNTIPLFVQLLYSPIENIQRVAAGVLCELA
QDKEAAEAIEAEGATAPLTELLHSRNEGVATYAAAVLFRMS
;
A
2 'polypeptide(L)' ATHRCEWAALHCELV(NH2) F
#
loop_
_chem_comp.id
_chem_comp.type
_chem_comp.name
_chem_comp.formula
GOL non-polymer GLYCEROL 'C3 H8 O3'
NH2 non-polymer 'AMINO GROUP' 'H2 N'
PO4 non-polymer 'PHOSPHATE ION' 'O4 P -3'
WHL non-polymer N,N'-(1,4-phenylene)diacetamide 'C10 H12 N2 O2'
#
# COMPACT_ATOMS: atom_id res chain seq x y z
N GLU A 5 -40.27 28.58 -32.28
CA GLU A 5 -39.56 29.82 -31.87
C GLU A 5 -38.14 29.47 -31.44
N LEU A 6 -37.27 30.48 -31.32
CA LEU A 6 -35.86 30.25 -30.88
C LEU A 6 -35.15 29.38 -31.91
N ALA A 7 -35.36 28.08 -31.84
CA ALA A 7 -34.74 27.14 -32.79
C ALA A 7 -34.99 27.58 -34.23
N THR A 8 -36.11 28.23 -34.48
CA THR A 8 -36.46 28.62 -35.88
C THR A 8 -35.66 29.84 -36.32
N ARG A 9 -35.34 30.76 -35.40
CA ARG A 9 -34.68 31.98 -35.83
C ARG A 9 -33.64 32.49 -34.85
N ALA A 10 -34.03 32.66 -33.57
CA ALA A 10 -33.13 33.28 -32.60
C ALA A 10 -31.79 32.58 -32.53
N ILE A 11 -31.80 31.25 -32.33
CA ILE A 11 -30.55 30.51 -32.24
C ILE A 11 -29.80 30.50 -33.56
N PRO A 12 -30.43 30.22 -34.72
CA PRO A 12 -29.70 30.41 -36.00
C PRO A 12 -29.16 31.81 -36.19
N GLU A 13 -29.91 32.84 -35.75
CA GLU A 13 -29.43 34.21 -35.88
C GLU A 13 -28.30 34.48 -34.88
N LEU A 14 -28.45 33.97 -33.65
CA LEU A 14 -27.39 34.13 -32.66
C LEU A 14 -26.15 33.36 -33.04
N THR A 15 -26.30 32.18 -33.64
CA THR A 15 -25.15 31.46 -34.17
C THR A 15 -24.46 32.27 -35.25
N LYS A 16 -25.24 32.94 -36.10
CA LYS A 16 -24.66 33.77 -37.16
C LYS A 16 -23.95 34.98 -36.58
N LEU A 17 -24.48 35.55 -35.50
CA LEU A 17 -23.83 36.68 -34.85
C LEU A 17 -22.64 36.25 -34.00
N LEU A 18 -22.66 35.02 -33.48
CA LEU A 18 -21.60 34.55 -32.62
C LEU A 18 -20.31 34.27 -33.38
N ASN A 19 -20.39 34.10 -34.71
CA ASN A 19 -19.21 33.88 -35.54
C ASN A 19 -19.00 35.01 -36.54
N ASP A 20 -19.46 36.21 -36.19
CA ASP A 20 -19.20 37.39 -36.98
C ASP A 20 -17.78 37.88 -36.74
N GLU A 21 -17.24 38.61 -37.71
CA GLU A 21 -15.89 39.14 -37.55
C GLU A 21 -15.89 40.37 -36.65
N ASP A 22 -16.98 41.13 -36.62
CA ASP A 22 -17.04 42.27 -35.70
C ASP A 22 -17.00 41.75 -34.27
N GLN A 23 -15.89 42.01 -33.57
CA GLN A 23 -15.74 41.51 -32.21
C GLN A 23 -16.84 42.02 -31.29
N VAL A 24 -17.29 43.26 -31.50
CA VAL A 24 -18.37 43.81 -30.67
C VAL A 24 -19.66 43.04 -30.89
N VAL A 25 -19.91 42.57 -32.12
CA VAL A 25 -21.10 41.76 -32.38
C VAL A 25 -20.99 40.41 -31.70
N VAL A 26 -19.79 39.82 -31.73
CA VAL A 26 -19.58 38.53 -31.08
C VAL A 26 -19.81 38.65 -29.57
N ASN A 27 -19.29 39.71 -28.96
CA ASN A 27 -19.43 39.89 -27.52
CA ASN A 27 -19.43 39.89 -27.52
C ASN A 27 -20.88 40.14 -27.12
N LYS A 28 -21.65 40.82 -27.97
CA LYS A 28 -23.06 41.05 -27.66
C LYS A 28 -23.85 39.75 -27.75
N ALA A 29 -23.52 38.89 -28.72
CA ALA A 29 -24.20 37.61 -28.82
C ALA A 29 -23.81 36.68 -27.68
N ALA A 30 -22.52 36.63 -27.34
CA ALA A 30 -22.05 35.72 -26.29
C ALA A 30 -22.73 36.01 -24.96
N VAL A 31 -23.05 37.28 -24.68
CA VAL A 31 -23.73 37.61 -23.43
C VAL A 31 -25.16 37.12 -23.47
N MET A 32 -25.82 37.21 -24.63
CA MET A 32 -27.19 36.72 -24.75
C MET A 32 -27.23 35.20 -24.70
N VAL A 33 -26.26 34.54 -25.33
CA VAL A 33 -26.20 33.08 -25.28
C VAL A 33 -25.95 32.60 -23.86
N HIS A 34 -25.12 33.32 -23.12
CA HIS A 34 -24.87 32.96 -21.72
C HIS A 34 -26.13 33.11 -20.88
N GLN A 35 -26.95 34.13 -21.17
CA GLN A 35 -28.19 34.33 -20.43
C GLN A 35 -29.23 33.29 -20.79
N LEU A 36 -29.27 32.86 -22.05
CA LEU A 36 -30.21 31.82 -22.47
C LEU A 36 -29.88 30.46 -21.87
N SER A 37 -28.62 30.24 -21.47
CA SER A 37 -28.19 28.97 -20.91
C SER A 37 -28.52 28.82 -19.43
N LYS A 38 -29.30 29.74 -18.86
CA LYS A 38 -29.59 29.73 -17.42
C LYS A 38 -31.01 29.28 -17.12
N LYS A 39 -31.78 28.87 -18.12
CA LYS A 39 -33.13 28.38 -17.90
C LYS A 39 -33.35 27.14 -18.77
N GLU A 40 -34.10 26.17 -18.23
CA GLU A 40 -34.20 24.86 -18.85
C GLU A 40 -34.76 24.93 -20.27
N ALA A 41 -35.76 25.79 -20.49
CA ALA A 41 -36.42 25.86 -21.79
C ALA A 41 -35.45 26.30 -22.87
N SER A 42 -34.74 27.40 -22.64
CA SER A 42 -33.81 27.92 -23.63
C SER A 42 -32.51 27.13 -23.66
N ARG A 43 -32.05 26.65 -22.51
CA ARG A 43 -30.81 25.89 -22.46
C ARG A 43 -30.93 24.59 -23.24
N HIS A 44 -32.11 23.96 -23.21
CA HIS A 44 -32.33 22.76 -24.01
C HIS A 44 -32.18 23.04 -25.50
N ALA A 45 -32.69 24.18 -25.95
CA ALA A 45 -32.62 24.54 -27.36
C ALA A 45 -31.21 24.90 -27.81
N ILE A 46 -30.29 25.13 -26.88
CA ILE A 46 -28.90 25.39 -27.24
C ILE A 46 -28.15 24.08 -27.49
N MET A 47 -28.33 23.10 -26.60
CA MET A 47 -27.66 21.82 -26.77
C MET A 47 -28.25 20.99 -27.90
N ARG A 48 -29.47 21.30 -28.33
CA ARG A 48 -30.07 20.63 -29.47
C ARG A 48 -29.67 21.27 -30.80
N SER A 49 -28.75 22.23 -30.76
CA SER A 49 -28.21 22.87 -31.96
C SER A 49 -26.69 22.71 -31.95
N PRO A 50 -26.16 21.66 -32.58
CA PRO A 50 -24.70 21.53 -32.67
C PRO A 50 -24.03 22.70 -33.36
N GLN A 51 -24.76 23.44 -34.20
CA GLN A 51 -24.19 24.64 -34.80
C GLN A 51 -23.88 25.69 -33.74
N MET A 52 -24.76 25.83 -32.74
CA MET A 52 -24.53 26.80 -31.68
C MET A 52 -23.38 26.39 -30.79
N VAL A 53 -23.32 25.11 -30.40
CA VAL A 53 -22.25 24.64 -29.51
C VAL A 53 -20.90 24.80 -30.19
N SER A 54 -20.84 24.53 -31.50
CA SER A 54 -19.59 24.74 -32.22
C SER A 54 -19.16 26.20 -32.18
N ALA A 55 -20.10 27.12 -32.38
CA ALA A 55 -19.77 28.54 -32.33
C ALA A 55 -19.28 28.95 -30.95
N ILE A 56 -19.88 28.40 -29.90
CA ILE A 56 -19.44 28.73 -28.54
C ILE A 56 -18.04 28.19 -28.28
N VAL A 57 -17.75 26.99 -28.78
CA VAL A 57 -16.43 26.40 -28.56
C VAL A 57 -15.35 27.17 -29.31
N ARG A 58 -15.60 27.51 -30.58
CA ARG A 58 -14.62 28.24 -31.36
C ARG A 58 -14.42 29.66 -30.85
N THR A 59 -15.51 30.32 -30.44
CA THR A 59 -15.38 31.66 -29.89
C THR A 59 -14.56 31.66 -28.60
N MET A 60 -14.71 30.61 -27.79
CA MET A 60 -13.98 30.53 -26.53
C MET A 60 -12.47 30.45 -26.75
N GLN A 61 -12.04 29.79 -27.82
CA GLN A 61 -10.61 29.67 -28.10
C GLN A 61 -10.04 30.96 -28.70
N ASN A 62 -10.70 31.49 -29.73
CA ASN A 62 -10.10 32.52 -30.56
C ASN A 62 -10.26 33.93 -30.02
N THR A 63 -11.24 34.17 -29.14
CA THR A 63 -11.50 35.53 -28.70
C THR A 63 -10.36 36.04 -27.82
N ASN A 64 -10.21 37.37 -27.81
CA ASN A 64 -9.28 38.05 -26.91
C ASN A 64 -10.00 38.94 -25.92
N ASP A 65 -11.32 38.90 -25.90
CA ASP A 65 -12.12 39.62 -24.91
C ASP A 65 -12.36 38.71 -23.71
N VAL A 66 -11.98 39.18 -22.52
CA VAL A 66 -12.13 38.37 -21.32
C VAL A 66 -13.60 38.10 -21.03
N GLU A 67 -14.46 39.11 -21.22
CA GLU A 67 -15.88 38.93 -20.95
C GLU A 67 -16.51 37.93 -21.89
N THR A 68 -16.00 37.81 -23.12
CA THR A 68 -16.52 36.82 -24.05
C THR A 68 -16.04 35.42 -23.71
N ALA A 69 -14.75 35.29 -23.38
CA ALA A 69 -14.25 33.99 -22.93
C ALA A 69 -14.91 33.55 -21.64
N ARG A 70 -15.32 34.51 -20.80
CA ARG A 70 -16.04 34.15 -19.58
C ARG A 70 -17.47 33.74 -19.88
N CYS A 71 -18.11 34.38 -20.86
CA CYS A 71 -19.48 34.03 -21.19
C CYS A 71 -19.56 32.72 -21.96
N THR A 72 -18.61 32.48 -22.86
CA THR A 72 -18.61 31.23 -23.62
C THR A 72 -18.24 30.04 -22.74
N ALA A 73 -17.22 30.20 -21.89
CA ALA A 73 -16.87 29.13 -20.96
C ALA A 73 -17.96 28.93 -19.93
N GLY A 74 -18.52 30.01 -19.38
CA GLY A 74 -19.64 29.88 -18.48
C GLY A 74 -20.85 29.25 -19.12
N THR A 75 -21.03 29.47 -20.42
CA THR A 75 -22.10 28.78 -21.15
C THR A 75 -21.84 27.28 -21.15
N LEU A 76 -20.68 26.86 -21.69
CA LEU A 76 -20.34 25.44 -21.76
C LEU A 76 -20.46 24.75 -20.40
N HIS A 77 -20.13 25.46 -19.32
CA HIS A 77 -20.30 24.89 -17.99
C HIS A 77 -21.77 24.65 -17.65
N ASN A 78 -22.67 25.47 -18.19
CA ASN A 78 -24.09 25.31 -17.91
C ASN A 78 -24.70 24.14 -18.66
N LEU A 79 -24.23 23.86 -19.89
CA LEU A 79 -24.73 22.68 -20.60
C LEU A 79 -24.20 21.38 -20.01
N SER A 80 -23.09 21.43 -19.27
CA SER A 80 -22.43 20.23 -18.77
C SER A 80 -23.10 19.63 -17.54
N HIS A 81 -24.27 20.13 -17.15
CA HIS A 81 -24.95 19.65 -15.95
C HIS A 81 -25.88 18.48 -16.21
N HIS A 82 -26.06 18.08 -17.47
CA HIS A 82 -26.97 16.99 -17.81
C HIS A 82 -26.37 16.17 -18.94
N ARG A 83 -27.08 15.11 -19.32
CA ARG A 83 -26.59 14.13 -20.28
C ARG A 83 -26.36 14.73 -21.66
N GLU A 84 -27.44 15.11 -22.35
CA GLU A 84 -27.34 15.53 -23.73
C GLU A 84 -26.51 16.80 -23.89
N GLY A 85 -26.36 17.60 -22.83
CA GLY A 85 -25.45 18.73 -22.90
C GLY A 85 -24.00 18.30 -22.94
N LEU A 86 -23.65 17.27 -22.16
CA LEU A 86 -22.29 16.76 -22.18
C LEU A 86 -21.96 16.12 -23.52
N LEU A 87 -22.93 15.44 -24.14
CA LEU A 87 -22.70 14.82 -25.43
C LEU A 87 -22.55 15.86 -26.53
N ALA A 88 -23.27 16.99 -26.43
CA ALA A 88 -23.12 18.05 -27.42
C ALA A 88 -21.77 18.72 -27.32
N ILE A 89 -21.27 18.90 -26.09
CA ILE A 89 -19.92 19.46 -25.91
C ILE A 89 -18.88 18.49 -26.43
N PHE A 90 -19.10 17.18 -26.22
CA PHE A 90 -18.13 16.17 -26.63
C PHE A 90 -18.02 16.10 -28.16
N LYS A 91 -19.15 16.08 -28.85
CA LYS A 91 -19.15 15.94 -30.31
C LYS A 91 -18.75 17.23 -31.03
N SER A 92 -18.75 18.38 -30.33
CA SER A 92 -18.42 19.66 -30.95
C SER A 92 -16.97 20.05 -30.70
N GLY A 93 -16.10 19.10 -30.40
CA GLY A 93 -14.69 19.41 -30.16
C GLY A 93 -14.47 20.31 -28.96
N GLY A 94 -15.26 20.12 -27.90
CA GLY A 94 -15.14 20.98 -26.74
C GLY A 94 -14.02 20.61 -25.79
N ILE A 95 -13.65 19.34 -25.75
CA ILE A 95 -12.63 18.86 -24.82
C ILE A 95 -11.25 19.42 -25.17
N PRO A 96 -10.80 19.35 -26.43
CA PRO A 96 -9.50 19.98 -26.74
C PRO A 96 -9.50 21.48 -26.51
N ALA A 97 -10.65 22.14 -26.67
CA ALA A 97 -10.74 23.57 -26.39
C ALA A 97 -10.65 23.85 -24.89
N LEU A 98 -11.36 23.06 -24.08
CA LEU A 98 -11.32 23.26 -22.63
C LEU A 98 -9.93 22.97 -22.07
N VAL A 99 -9.19 22.05 -22.68
CA VAL A 99 -7.80 21.82 -22.27
C VAL A 99 -6.94 23.03 -22.60
N LYS A 100 -7.17 23.66 -23.75
CA LYS A 100 -6.43 24.86 -24.12
C LYS A 100 -6.70 25.99 -23.12
N MET A 101 -7.93 26.08 -22.62
CA MET A 101 -8.29 27.15 -21.71
C MET A 101 -7.70 26.97 -20.31
N LEU A 102 -7.12 25.81 -20.01
CA LEU A 102 -6.47 25.62 -18.71
C LEU A 102 -5.23 26.50 -18.55
N GLY A 103 -4.72 27.09 -19.63
CA GLY A 103 -3.60 28.00 -19.54
C GLY A 103 -4.02 29.45 -19.54
N SER A 104 -5.29 29.71 -19.24
CA SER A 104 -5.79 31.07 -19.24
C SER A 104 -5.36 31.80 -17.96
N PRO A 105 -5.01 33.08 -18.05
CA PRO A 105 -4.71 33.86 -16.84
C PRO A 105 -5.94 34.34 -16.10
N VAL A 106 -7.12 34.23 -16.70
CA VAL A 106 -8.36 34.63 -16.04
C VAL A 106 -8.85 33.49 -15.18
N ASP A 107 -9.12 33.78 -13.90
CA ASP A 107 -9.54 32.73 -12.97
C ASP A 107 -10.95 32.24 -13.28
N SER A 108 -11.84 33.14 -13.69
CA SER A 108 -13.21 32.73 -14.01
C SER A 108 -13.23 31.76 -15.19
N VAL A 109 -12.38 32.02 -16.20
CA VAL A 109 -12.30 31.11 -17.34
C VAL A 109 -11.65 29.79 -16.92
N LEU A 110 -10.61 29.86 -16.10
CA LEU A 110 -9.92 28.65 -15.66
C LEU A 110 -10.83 27.76 -14.83
N PHE A 111 -11.65 28.36 -13.97
CA PHE A 111 -12.55 27.56 -13.12
C PHE A 111 -13.67 26.95 -13.94
N TYR A 112 -14.20 27.70 -14.91
CA TYR A 112 -15.23 27.17 -15.79
C TYR A 112 -14.71 25.99 -16.61
N ALA A 113 -13.43 26.04 -17.00
CA ALA A 113 -12.88 24.98 -17.83
C ALA A 113 -12.63 23.71 -17.03
N ILE A 114 -12.09 23.85 -15.81
CA ILE A 114 -11.77 22.66 -15.03
C ILE A 114 -13.04 22.00 -14.50
N THR A 115 -14.10 22.77 -14.26
CA THR A 115 -15.35 22.18 -13.80
C THR A 115 -16.10 21.49 -14.93
N THR A 116 -16.04 22.07 -16.14
CA THR A 116 -16.65 21.43 -17.29
C THR A 116 -15.89 20.16 -17.67
N LEU A 117 -14.55 20.21 -17.60
CA LEU A 117 -13.76 19.02 -17.87
C LEU A 117 -14.02 17.93 -16.83
N HIS A 118 -14.22 18.34 -15.57
CA HIS A 118 -14.48 17.35 -14.52
C HIS A 118 -15.84 16.69 -14.72
N ASN A 119 -16.85 17.46 -15.11
CA ASN A 119 -18.17 16.88 -15.39
C ASN A 119 -18.09 15.91 -16.56
N LEU A 120 -17.30 16.24 -17.58
CA LEU A 120 -17.15 15.35 -18.73
C LEU A 120 -16.44 14.06 -18.34
N LEU A 121 -15.41 14.16 -17.50
CA LEU A 121 -14.70 12.95 -17.07
C LEU A 121 -15.56 12.08 -16.18
N LEU A 122 -16.53 12.66 -15.48
CA LEU A 122 -17.35 11.90 -14.53
C LEU A 122 -18.52 11.19 -15.18
N HIS A 123 -19.11 11.76 -16.23
CA HIS A 123 -20.35 11.24 -16.79
C HIS A 123 -20.33 10.98 -18.29
N GLN A 124 -19.38 11.52 -19.04
CA GLN A 124 -19.33 11.36 -20.49
C GLN A 124 -18.28 10.31 -20.85
N GLU A 125 -18.74 9.20 -21.41
CA GLU A 125 -17.81 8.17 -21.86
C GLU A 125 -17.06 8.64 -23.11
N GLY A 126 -15.82 8.17 -23.24
CA GLY A 126 -14.94 8.67 -24.27
C GLY A 126 -14.21 9.95 -23.92
N ALA A 127 -14.50 10.54 -22.76
CA ALA A 127 -13.82 11.77 -22.36
C ALA A 127 -12.43 11.50 -21.79
N LYS A 128 -12.22 10.32 -21.20
CA LYS A 128 -10.89 9.99 -20.69
C LYS A 128 -9.88 9.91 -21.83
N MET A 129 -10.25 9.26 -22.93
CA MET A 129 -9.36 9.16 -24.07
C MET A 129 -9.14 10.52 -24.73
N ALA A 130 -10.15 11.39 -24.73
CA ALA A 130 -10.00 12.69 -25.37
C ALA A 130 -9.15 13.63 -24.55
N VAL A 131 -9.29 13.61 -23.23
CA VAL A 131 -8.48 14.48 -22.38
C VAL A 131 -7.02 14.08 -22.45
N ARG A 132 -6.73 12.78 -22.47
CA ARG A 132 -5.35 12.32 -22.58
C ARG A 132 -4.75 12.70 -23.94
N LEU A 133 -5.52 12.53 -25.01
CA LEU A 133 -5.03 12.83 -26.34
C LEU A 133 -4.75 14.31 -26.54
N ALA A 134 -5.47 15.17 -25.83
CA ALA A 134 -5.32 16.62 -25.95
C ALA A 134 -4.28 17.17 -24.99
N GLY A 135 -3.49 16.32 -24.35
CA GLY A 135 -2.49 16.79 -23.40
C GLY A 135 -3.06 17.37 -22.13
N GLY A 136 -4.18 16.84 -21.65
CA GLY A 136 -4.80 17.36 -20.44
C GLY A 136 -4.03 17.03 -19.18
N LEU A 137 -3.36 15.87 -19.15
CA LEU A 137 -2.66 15.45 -17.95
C LEU A 137 -1.50 16.38 -17.62
N GLN A 138 -0.74 16.80 -18.63
CA GLN A 138 0.38 17.71 -18.40
C GLN A 138 -0.11 19.06 -17.87
N LYS A 139 -1.15 19.61 -18.51
CA LYS A 139 -1.66 20.91 -18.07
C LYS A 139 -2.20 20.86 -16.65
N MET A 140 -2.73 19.71 -16.23
CA MET A 140 -3.30 19.60 -14.90
C MET A 140 -2.22 19.50 -13.83
N VAL A 141 -1.13 18.77 -14.12
CA VAL A 141 -0.04 18.67 -13.15
C VAL A 141 0.61 20.02 -12.93
N ALA A 142 0.74 20.82 -14.00
CA ALA A 142 1.32 22.15 -13.87
C ALA A 142 0.42 23.09 -13.07
N LEU A 143 -0.88 22.81 -13.00
CA LEU A 143 -1.81 23.65 -12.27
C LEU A 143 -1.83 23.38 -10.77
N LEU A 144 -1.12 22.33 -10.31
CA LEU A 144 -1.04 22.05 -8.88
C LEU A 144 -0.28 23.12 -8.11
N ASN A 145 0.37 24.07 -8.79
CA ASN A 145 1.02 25.18 -8.12
C ASN A 145 0.04 26.28 -7.70
N LYS A 146 -1.19 26.23 -8.20
CA LYS A 146 -2.19 27.22 -7.80
C LYS A 146 -2.57 27.02 -6.34
N THR A 147 -3.11 28.08 -5.74
CA THR A 147 -3.37 28.11 -4.30
C THR A 147 -4.83 27.87 -3.95
N ASN A 148 -5.76 28.11 -4.88
CA ASN A 148 -7.18 27.87 -4.61
C ASN A 148 -7.41 26.40 -4.31
N VAL A 149 -7.64 26.06 -3.03
CA VAL A 149 -7.74 24.66 -2.63
C VAL A 149 -9.01 24.02 -3.19
N LYS A 150 -10.06 24.80 -3.42
CA LYS A 150 -11.25 24.26 -4.07
C LYS A 150 -10.96 23.92 -5.53
N PHE A 151 -10.14 24.74 -6.19
CA PHE A 151 -9.69 24.41 -7.54
C PHE A 151 -8.73 23.23 -7.54
N LEU A 152 -7.90 23.11 -6.50
CA LEU A 152 -6.96 22.00 -6.43
C LEU A 152 -7.67 20.66 -6.21
N ALA A 153 -8.77 20.67 -5.45
CA ALA A 153 -9.50 19.43 -5.21
C ALA A 153 -10.13 18.90 -6.49
N ILE A 154 -10.61 19.80 -7.35
CA ILE A 154 -11.18 19.37 -8.62
C ILE A 154 -10.09 18.90 -9.58
N THR A 155 -8.95 19.61 -9.60
CA THR A 155 -7.87 19.23 -10.51
C THR A 155 -7.29 17.87 -10.15
N THR A 156 -7.22 17.56 -8.85
CA THR A 156 -6.67 16.28 -8.45
C THR A 156 -7.66 15.14 -8.71
N ASP A 157 -8.97 15.41 -8.64
CA ASP A 157 -9.93 14.35 -8.96
C ASP A 157 -9.91 14.02 -10.45
N CYS A 158 -9.69 15.03 -11.31
CA CYS A 158 -9.53 14.75 -12.73
C CYS A 158 -8.33 13.84 -12.98
N LEU A 159 -7.22 14.08 -12.27
CA LEU A 159 -6.05 13.22 -12.41
C LEU A 159 -6.33 11.81 -11.92
N GLN A 160 -7.14 11.68 -10.87
CA GLN A 160 -7.47 10.36 -10.34
C GLN A 160 -8.36 9.58 -11.32
N ILE A 161 -9.31 10.28 -11.96
CA ILE A 161 -10.17 9.62 -12.94
C ILE A 161 -9.36 9.18 -14.15
N LEU A 162 -8.38 9.99 -14.55
CA LEU A 162 -7.58 9.67 -15.73
C LEU A 162 -6.55 8.58 -15.44
N ALA A 163 -6.00 8.55 -14.23
CA ALA A 163 -4.91 7.62 -13.91
C ALA A 163 -5.38 6.25 -13.48
N TYR A 164 -6.60 6.12 -12.96
CA TYR A 164 -7.07 4.83 -12.46
C TYR A 164 -7.20 3.85 -13.62
N GLY A 165 -6.46 2.75 -13.54
CA GLY A 165 -6.52 1.72 -14.58
C GLY A 165 -6.02 2.19 -15.93
N ASN A 166 -4.92 2.94 -15.95
CA ASN A 166 -4.37 3.45 -17.20
C ASN A 166 -2.89 3.72 -16.99
N GLN A 167 -2.03 2.90 -17.60
CA GLN A 167 -0.59 3.06 -17.39
C GLN A 167 -0.06 4.29 -18.10
N GLU A 168 -0.62 4.66 -19.24
CA GLU A 168 -0.17 5.86 -19.94
C GLU A 168 -0.35 7.10 -19.08
N SER A 169 -1.52 7.23 -18.45
CA SER A 169 -1.81 8.40 -17.62
C SER A 169 -0.91 8.43 -16.38
N LYS A 170 -0.65 7.26 -15.79
CA LYS A 170 0.24 7.21 -14.63
C LYS A 170 1.65 7.64 -15.01
N LEU A 171 2.16 7.13 -16.13
CA LEU A 171 3.51 7.47 -16.56
C LEU A 171 3.63 8.94 -16.93
N ILE A 172 2.58 9.52 -17.51
CA ILE A 172 2.62 10.94 -17.84
C ILE A 172 2.66 11.80 -16.59
N ILE A 173 1.88 11.42 -15.57
CA ILE A 173 1.88 12.16 -14.31
C ILE A 173 3.24 12.10 -13.64
N LEU A 174 3.85 10.90 -13.62
CA LEU A 174 5.17 10.76 -13.01
C LEU A 174 6.24 11.49 -13.81
N ALA A 175 6.11 11.53 -15.13
CA ALA A 175 7.12 12.16 -15.96
C ALA A 175 7.07 13.69 -15.87
N SER A 176 5.91 14.24 -15.54
CA SER A 176 5.72 15.68 -15.49
C SER A 176 6.02 16.27 -14.11
N GLY A 177 6.51 15.46 -13.17
CA GLY A 177 6.74 15.93 -11.82
C GLY A 177 5.54 15.84 -10.92
N GLY A 178 4.62 14.91 -11.19
CA GLY A 178 3.40 14.76 -10.42
C GLY A 178 3.61 14.50 -8.93
N PRO A 179 4.38 13.46 -8.59
CA PRO A 179 4.56 13.12 -7.17
C PRO A 179 5.02 14.28 -6.30
N GLN A 180 6.01 15.06 -6.77
CA GLN A 180 6.50 16.18 -5.96
C GLN A 180 5.38 17.18 -5.67
N ALA A 181 4.54 17.47 -6.66
CA ALA A 181 3.47 18.43 -6.46
C ALA A 181 2.35 17.88 -5.57
N LEU A 182 2.10 16.58 -5.65
CA LEU A 182 1.06 15.98 -4.81
C LEU A 182 1.51 15.86 -3.36
N VAL A 183 2.77 15.46 -3.15
CA VAL A 183 3.29 15.38 -1.78
C VAL A 183 3.27 16.75 -1.12
N ASN A 184 3.58 17.80 -1.88
CA ASN A 184 3.55 19.15 -1.34
C ASN A 184 2.15 19.57 -0.94
N ILE A 185 1.12 19.03 -1.61
CA ILE A 185 -0.26 19.35 -1.25
C ILE A 185 -0.61 18.75 0.10
N MET A 186 -0.23 17.48 0.32
CA MET A 186 -0.45 16.85 1.62
C MET A 186 0.38 17.53 2.72
N ARG A 187 1.51 18.11 2.33
CA ARG A 187 2.43 18.72 3.28
C ARG A 187 2.01 20.12 3.70
N THR A 188 1.18 20.79 2.90
CA THR A 188 0.87 22.20 3.10
C THR A 188 -0.56 22.46 3.55
N TYR A 189 -1.55 21.91 2.85
CA TYR A 189 -2.93 22.31 3.04
C TYR A 189 -3.64 21.40 4.04
N THR A 190 -4.79 21.89 4.54
CA THR A 190 -5.60 21.18 5.51
C THR A 190 -7.02 20.92 5.04
N TYR A 191 -7.41 21.42 3.87
CA TYR A 191 -8.74 21.18 3.35
C TYR A 191 -8.97 19.69 3.13
N GLU A 192 -9.97 19.13 3.80
CA GLU A 192 -10.14 17.68 3.84
C GLU A 192 -10.39 17.11 2.45
N LYS A 193 -11.24 17.76 1.65
CA LYS A 193 -11.58 17.22 0.34
C LYS A 193 -10.37 17.21 -0.59
N LEU A 194 -9.51 18.23 -0.47
CA LEU A 194 -8.28 18.24 -1.27
C LEU A 194 -7.31 17.17 -0.79
N LEU A 195 -7.14 17.05 0.53
CA LEU A 195 -6.24 16.04 1.07
C LEU A 195 -6.74 14.63 0.75
N TRP A 196 -8.05 14.40 0.88
CA TRP A 196 -8.60 13.09 0.56
C TRP A 196 -8.41 12.76 -0.92
N THR A 197 -8.73 13.70 -1.80
CA THR A 197 -8.63 13.45 -3.23
C THR A 197 -7.18 13.24 -3.66
N THR A 198 -6.27 14.03 -3.10
CA THR A 198 -4.85 13.88 -3.43
C THR A 198 -4.32 12.53 -2.99
N SER A 199 -4.79 12.03 -1.83
CA SER A 199 -4.36 10.72 -1.36
C SER A 199 -4.84 9.59 -2.28
N ARG A 200 -6.00 9.77 -2.92
CA ARG A 200 -6.45 8.76 -3.88
C ARG A 200 -5.60 8.76 -5.13
N VAL A 201 -5.00 9.90 -5.48
CA VAL A 201 -4.08 9.95 -6.61
C VAL A 201 -2.75 9.29 -6.25
N LEU A 202 -2.24 9.59 -5.05
CA LEU A 202 -1.01 8.96 -4.60
C LEU A 202 -1.20 7.47 -4.38
N LYS A 203 -2.42 7.03 -4.07
CA LYS A 203 -2.68 5.61 -3.92
C LYS A 203 -2.58 4.88 -5.25
N VAL A 204 -3.12 5.48 -6.32
CA VAL A 204 -3.04 4.85 -7.63
C VAL A 204 -1.60 4.82 -8.14
N LEU A 205 -0.84 5.89 -7.88
CA LEU A 205 0.54 5.96 -8.33
C LEU A 205 1.48 5.06 -7.54
N SER A 206 1.01 4.45 -6.46
CA SER A 206 1.85 3.64 -5.59
C SER A 206 1.64 2.14 -5.77
N VAL A 207 0.73 1.71 -6.65
CA VAL A 207 0.45 0.28 -6.81
C VAL A 207 1.43 -0.41 -7.74
N CYS A 208 2.40 0.32 -8.30
CA CYS A 208 3.42 -0.26 -9.16
C CYS A 208 4.78 -0.15 -8.50
N SER A 209 5.64 -1.13 -8.76
CA SER A 209 6.92 -1.21 -8.08
C SER A 209 7.87 -0.10 -8.55
N SER A 210 7.96 0.11 -9.86
CA SER A 210 8.89 1.09 -10.40
C SER A 210 8.42 2.52 -10.23
N ASN A 211 7.16 2.74 -9.88
CA ASN A 211 6.62 4.09 -9.73
C ASN A 211 6.63 4.58 -8.28
N LYS A 212 6.94 3.71 -7.32
CA LYS A 212 6.92 4.02 -5.90
C LYS A 212 8.08 4.92 -5.45
N PRO A 213 9.33 4.70 -5.91
CA PRO A 213 10.43 5.53 -5.38
C PRO A 213 10.23 7.02 -5.56
N ALA A 214 9.49 7.46 -6.58
CA ALA A 214 9.27 8.90 -6.78
C ALA A 214 8.52 9.51 -5.61
N ILE A 215 7.48 8.82 -5.12
CA ILE A 215 6.73 9.32 -3.99
C ILE A 215 7.54 9.25 -2.71
N VAL A 216 8.41 8.26 -2.58
CA VAL A 216 9.15 8.05 -1.34
C VAL A 216 10.21 9.14 -1.16
N GLU A 217 11.09 9.29 -2.14
CA GLU A 217 12.20 10.23 -2.00
C GLU A 217 11.74 11.67 -1.89
N ALA A 218 10.54 11.98 -2.39
CA ALA A 218 9.98 13.33 -2.25
C ALA A 218 9.43 13.60 -0.86
N GLY A 219 9.55 12.64 0.06
CA GLY A 219 8.98 12.79 1.38
C GLY A 219 7.52 12.39 1.50
N GLY A 220 7.04 11.51 0.62
CA GLY A 220 5.63 11.14 0.66
C GLY A 220 5.24 10.35 1.89
N MET A 221 6.16 9.50 2.39
CA MET A 221 5.85 8.69 3.56
C MET A 221 5.59 9.58 4.77
N GLN A 222 6.42 10.61 4.98
CA GLN A 222 6.22 11.51 6.10
C GLN A 222 4.99 12.40 5.89
N ALA A 223 4.75 12.82 4.65
CA ALA A 223 3.61 13.70 4.38
C ALA A 223 2.29 12.96 4.55
N LEU A 224 2.25 11.67 4.20
CA LEU A 224 1.03 10.89 4.38
C LEU A 224 0.80 10.59 5.86
N GLY A 225 1.87 10.37 6.62
CA GLY A 225 1.73 10.13 8.05
C GLY A 225 1.23 11.31 8.83
N LEU A 226 1.29 12.52 8.25
CA LEU A 226 0.80 13.70 8.94
C LEU A 226 -0.70 13.62 9.21
N HIS A 227 -1.45 12.96 8.33
CA HIS A 227 -2.91 12.97 8.39
C HIS A 227 -3.48 11.62 8.86
N LEU A 228 -2.67 10.81 9.53
CA LEU A 228 -3.19 9.57 10.10
C LEU A 228 -4.05 9.83 11.33
N THR A 229 -3.90 10.98 11.96
CA THR A 229 -4.67 11.36 13.13
C THR A 229 -5.87 12.23 12.80
N ASP A 230 -6.05 12.60 11.53
CA ASP A 230 -7.13 13.49 11.15
C ASP A 230 -8.48 12.81 11.36
N PRO A 231 -9.53 13.59 11.68
CA PRO A 231 -10.84 12.98 11.96
C PRO A 231 -11.49 12.34 10.74
N SER A 232 -11.06 12.67 9.53
CA SER A 232 -11.66 12.10 8.33
C SER A 232 -11.30 10.62 8.22
N GLN A 233 -12.31 9.76 8.25
CA GLN A 233 -12.05 8.33 8.19
C GLN A 233 -11.57 7.92 6.80
N ARG A 234 -12.15 8.50 5.75
CA ARG A 234 -11.75 8.14 4.39
C ARG A 234 -10.37 8.68 4.06
N LEU A 235 -9.94 9.76 4.72
CA LEU A 235 -8.59 10.26 4.49
C LEU A 235 -7.55 9.37 5.16
N VAL A 236 -7.81 8.96 6.40
CA VAL A 236 -6.89 8.07 7.10
C VAL A 236 -6.76 6.75 6.37
N GLN A 237 -7.89 6.22 5.85
CA GLN A 237 -7.87 4.93 5.19
C GLN A 237 -7.03 4.97 3.91
N ASN A 238 -7.19 6.04 3.11
CA ASN A 238 -6.41 6.14 1.89
C ASN A 238 -4.93 6.41 2.17
N CYS A 239 -4.63 7.09 3.27
CA CYS A 239 -3.24 7.28 3.65
C CYS A 239 -2.60 5.96 4.07
N LEU A 240 -3.33 5.14 4.82
CA LEU A 240 -2.79 3.87 5.27
C LEU A 240 -2.59 2.90 4.10
N TRP A 241 -3.53 2.91 3.15
CA TRP A 241 -3.38 2.06 1.97
C TRP A 241 -2.16 2.47 1.15
N THR A 242 -1.97 3.77 0.94
CA THR A 242 -0.83 4.24 0.17
C THR A 242 0.47 3.94 0.90
N LEU A 243 0.48 4.12 2.22
CA LEU A 243 1.69 3.85 3.00
C LEU A 243 2.05 2.37 2.97
N ARG A 244 1.03 1.50 2.96
CA ARG A 244 1.30 0.07 2.90
C ARG A 244 1.84 -0.34 1.54
N ASN A 245 1.36 0.30 0.47
CA ASN A 245 1.93 0.05 -0.85
C ASN A 245 3.37 0.52 -0.91
N LEU A 246 3.64 1.73 -0.42
CA LEU A 246 4.99 2.31 -0.50
C LEU A 246 5.96 1.66 0.48
N SER A 247 5.47 0.96 1.49
CA SER A 247 6.33 0.57 2.61
C SER A 247 7.38 -0.46 2.18
N ASP A 248 6.97 -1.48 1.42
CA ASP A 248 7.92 -2.52 1.05
C ASP A 248 8.99 -2.03 0.09
N ALA A 249 8.76 -0.92 -0.60
CA ALA A 249 9.75 -0.31 -1.49
C ALA A 249 10.39 0.91 -0.85
N ALA A 250 10.32 1.05 0.47
CA ALA A 250 10.88 2.20 1.16
C ALA A 250 11.47 1.80 2.51
N THR A 251 11.94 0.56 2.63
CA THR A 251 12.52 0.07 3.88
C THR A 251 13.92 0.64 4.14
N LYS A 252 14.46 1.44 3.22
CA LYS A 252 15.77 2.04 3.39
C LYS A 252 15.71 3.56 3.57
N GLN A 253 14.51 4.14 3.63
CA GLN A 253 14.38 5.58 3.68
C GLN A 253 14.75 6.12 5.06
N GLU A 254 15.50 7.21 5.09
CA GLU A 254 15.86 7.87 6.33
C GLU A 254 14.67 8.64 6.89
N GLY A 255 14.68 8.82 8.21
CA GLY A 255 13.70 9.67 8.86
C GLY A 255 12.29 9.12 8.92
N MET A 256 12.14 7.87 9.35
CA MET A 256 10.83 7.25 9.56
C MET A 256 10.41 7.26 11.02
N GLU A 257 11.06 8.07 11.85
CA GLU A 257 10.88 7.98 13.30
C GLU A 257 9.45 8.36 13.69
N GLY A 258 9.04 9.59 13.38
CA GLY A 258 7.72 10.05 13.81
C GLY A 258 6.57 9.23 13.26
N LEU A 259 6.75 8.68 12.05
CA LEU A 259 5.69 7.88 11.45
C LEU A 259 5.51 6.55 12.19
N LEU A 260 6.61 5.97 12.66
CA LEU A 260 6.53 4.68 13.35
C LEU A 260 5.81 4.80 14.68
N GLY A 261 6.02 5.91 15.41
CA GLY A 261 5.31 6.10 16.65
C GLY A 261 3.82 6.27 16.47
N THR A 262 3.41 6.95 15.40
CA THR A 262 1.99 7.09 15.10
C THR A 262 1.37 5.75 14.70
N LEU A 263 2.11 4.94 13.94
CA LEU A 263 1.60 3.64 13.53
C LEU A 263 1.39 2.72 14.73
N VAL A 264 2.28 2.80 15.72
CA VAL A 264 2.13 1.99 16.92
C VAL A 264 0.87 2.38 17.68
N GLN A 265 0.59 3.69 17.75
CA GLN A 265 -0.59 4.16 18.46
C GLN A 265 -1.87 3.83 17.70
N LEU A 266 -1.80 3.69 16.38
CA LEU A 266 -2.96 3.29 15.61
C LEU A 266 -3.36 1.85 15.88
N LEU A 267 -2.47 1.05 16.46
CA LEU A 267 -2.82 -0.32 16.82
C LEU A 267 -3.88 -0.38 17.91
N GLY A 268 -4.05 0.69 18.66
CA GLY A 268 -5.10 0.80 19.65
C GLY A 268 -6.41 1.34 19.12
N SER A 269 -6.54 1.52 17.82
CA SER A 269 -7.76 2.04 17.23
C SER A 269 -8.89 1.00 17.33
N ASP A 270 -10.12 1.49 17.34
CA ASP A 270 -11.28 0.61 17.32
C ASP A 270 -11.60 0.11 15.92
N ASP A 271 -11.09 0.78 14.88
CA ASP A 271 -11.29 0.35 13.50
C ASP A 271 -10.36 -0.84 13.23
N ILE A 272 -10.96 -2.02 12.99
CA ILE A 272 -10.17 -3.22 12.73
C ILE A 272 -9.36 -3.07 11.46
N ASN A 273 -9.89 -2.35 10.47
CA ASN A 273 -9.16 -2.16 9.22
C ASN A 273 -7.98 -1.21 9.40
N VAL A 274 -8.07 -0.27 10.33
CA VAL A 274 -6.93 0.61 10.61
C VAL A 274 -5.82 -0.17 11.29
N VAL A 275 -6.17 -1.06 12.23
CA VAL A 275 -5.17 -1.88 12.89
C VAL A 275 -4.49 -2.83 11.90
N THR A 276 -5.27 -3.33 10.93
CA THR A 276 -4.71 -4.23 9.93
C THR A 276 -3.67 -3.52 9.07
N CYS A 277 -4.01 -2.32 8.57
CA CYS A 277 -3.07 -1.59 7.73
C CYS A 277 -1.84 -1.18 8.52
N ALA A 278 -2.03 -0.72 9.77
CA ALA A 278 -0.89 -0.30 10.58
C ALA A 278 0.06 -1.46 10.86
N ALA A 279 -0.49 -2.67 11.09
CA ALA A 279 0.35 -3.83 11.32
C ALA A 279 1.14 -4.20 10.06
N GLY A 280 0.50 -4.09 8.90
CA GLY A 280 1.20 -4.40 7.65
C GLY A 280 2.29 -3.41 7.31
N ILE A 281 2.10 -2.14 7.65
CA ILE A 281 3.13 -1.15 7.38
C ILE A 281 4.31 -1.33 8.32
N LEU A 282 4.03 -1.59 9.61
CA LEU A 282 5.10 -1.84 10.57
C LEU A 282 5.89 -3.10 10.20
N SER A 283 5.22 -4.08 9.59
CA SER A 283 5.93 -5.29 9.16
C SER A 283 6.91 -4.96 8.03
N ASN A 284 6.48 -4.16 7.05
CA ASN A 284 7.36 -3.83 5.94
C ASN A 284 8.48 -2.89 6.38
N LEU A 285 8.17 -1.91 7.22
CA LEU A 285 9.17 -0.92 7.61
C LEU A 285 10.24 -1.51 8.52
N THR A 286 9.89 -2.52 9.31
CA THR A 286 10.86 -3.12 10.23
C THR A 286 11.71 -4.19 9.58
N CYS A 287 11.49 -4.51 8.31
CA CYS A 287 12.24 -5.56 7.64
C CYS A 287 13.66 -5.08 7.33
N ASN A 288 14.65 -5.69 7.98
CA ASN A 288 16.07 -5.47 7.69
C ASN A 288 16.48 -4.02 7.90
N ASN A 289 15.77 -3.28 8.76
CA ASN A 289 16.10 -1.90 9.09
C ASN A 289 16.27 -1.80 10.60
N TYR A 290 17.53 -1.77 11.05
CA TYR A 290 17.79 -1.78 12.49
C TYR A 290 17.31 -0.50 13.16
N LYS A 291 17.27 0.62 12.43
CA LYS A 291 16.77 1.86 13.02
C LYS A 291 15.27 1.79 13.25
N ASN A 292 14.52 1.29 12.26
CA ASN A 292 13.08 1.12 12.45
C ASN A 292 12.79 0.08 13.54
N LYS A 293 13.63 -0.95 13.63
CA LYS A 293 13.48 -1.92 14.71
C LYS A 293 13.71 -1.27 16.07
N MET A 294 14.58 -0.26 16.13
CA MET A 294 14.88 0.40 17.40
C MET A 294 13.74 1.27 17.86
N MET A 295 13.28 2.20 17.01
CA MET A 295 12.27 3.16 17.42
C MET A 295 10.95 2.49 17.77
N VAL A 296 10.62 1.37 17.11
CA VAL A 296 9.39 0.67 17.43
C VAL A 296 9.47 0.06 18.84
N CYS A 297 10.62 -0.49 19.20
CA CYS A 297 10.78 -1.05 20.54
C CYS A 297 10.84 0.03 21.62
N GLN A 298 11.22 1.26 21.25
CA GLN A 298 11.33 2.34 22.23
C GLN A 298 9.99 2.99 22.55
N VAL A 299 8.97 2.77 21.71
CA VAL A 299 7.66 3.36 21.92
C VAL A 299 6.63 2.32 22.37
N GLY A 300 7.07 1.12 22.70
CA GLY A 300 6.18 0.08 23.18
C GLY A 300 5.53 -0.71 22.06
N GLY A 301 6.31 -1.01 21.01
CA GLY A 301 5.77 -1.74 19.88
C GLY A 301 5.51 -3.21 20.18
N ILE A 302 6.29 -3.79 21.09
CA ILE A 302 6.12 -5.21 21.42
C ILE A 302 4.80 -5.43 22.13
N GLU A 303 4.50 -4.60 23.14
CA GLU A 303 3.23 -4.74 23.86
C GLU A 303 2.05 -4.48 22.94
N ALA A 304 2.18 -3.51 22.04
CA ALA A 304 1.08 -3.19 21.14
C ALA A 304 0.89 -4.26 20.07
N LEU A 305 1.97 -4.90 19.64
CA LEU A 305 1.85 -5.95 18.65
C LEU A 305 1.39 -7.26 19.27
N VAL A 306 1.85 -7.57 20.49
CA VAL A 306 1.35 -8.73 21.21
C VAL A 306 -0.13 -8.56 21.52
N ARG A 307 -0.52 -7.35 21.94
CA ARG A 307 -1.93 -7.06 22.16
C ARG A 307 -2.74 -7.17 20.88
N THR A 308 -2.12 -6.84 19.74
CA THR A 308 -2.83 -6.91 18.46
C THR A 308 -3.10 -8.36 18.04
N VAL A 309 -2.12 -9.25 18.26
CA VAL A 309 -2.30 -10.65 17.92
C VAL A 309 -3.44 -11.25 18.74
N LEU A 310 -3.54 -10.87 20.01
CA LEU A 310 -4.61 -11.37 20.85
C LEU A 310 -5.98 -10.89 20.37
N ARG A 311 -6.09 -9.59 20.06
CA ARG A 311 -7.34 -9.05 19.56
C ARG A 311 -7.80 -9.73 18.28
N ALA A 312 -6.86 -10.12 17.42
CA ALA A 312 -7.23 -10.61 16.09
C ALA A 312 -7.88 -11.99 16.17
N GLY A 313 -7.39 -12.86 17.06
CA GLY A 313 -7.91 -14.21 17.14
C GLY A 313 -7.47 -15.05 15.95
N ASP A 314 -8.41 -15.60 15.21
CA ASP A 314 -8.11 -16.39 14.02
C ASP A 314 -8.10 -15.57 12.74
N ARG A 315 -8.16 -14.24 12.85
CA ARG A 315 -8.10 -13.36 11.69
C ARG A 315 -6.66 -13.31 11.20
N GLU A 316 -6.34 -14.14 10.19
CA GLU A 316 -4.96 -14.27 9.73
C GLU A 316 -4.49 -13.04 8.96
N ASP A 317 -5.40 -12.19 8.49
CA ASP A 317 -5.00 -10.96 7.84
C ASP A 317 -4.40 -9.95 8.81
N ILE A 318 -4.57 -10.16 10.11
CA ILE A 318 -3.99 -9.30 11.13
C ILE A 318 -2.85 -9.98 11.87
N THR A 319 -2.99 -11.28 12.15
CA THR A 319 -1.96 -11.98 12.91
C THR A 319 -0.67 -12.14 12.10
N GLU A 320 -0.80 -12.38 10.79
CA GLU A 320 0.40 -12.60 9.98
C GLU A 320 1.31 -11.39 9.91
N PRO A 321 0.85 -10.18 9.59
CA PRO A 321 1.78 -9.03 9.61
C PRO A 321 2.23 -8.67 11.01
N ALA A 322 1.40 -8.92 12.02
CA ALA A 322 1.81 -8.64 13.40
C ALA A 322 2.87 -9.63 13.87
N ILE A 323 2.72 -10.90 13.52
CA ILE A 323 3.74 -11.89 13.86
C ILE A 323 5.01 -11.65 13.06
N CYS A 324 4.87 -11.29 11.78
CA CYS A 324 6.03 -10.96 10.97
C CYS A 324 6.78 -9.75 11.54
N ALA A 325 6.04 -8.74 12.01
CA ALA A 325 6.69 -7.59 12.62
C ALA A 325 7.41 -7.99 13.91
N LEU A 326 6.83 -8.90 14.68
CA LEU A 326 7.50 -9.39 15.89
C LEU A 326 8.73 -10.22 15.54
N ARG A 327 8.68 -10.97 14.43
CA ARG A 327 9.86 -11.71 13.99
C ARG A 327 11.00 -10.77 13.60
N HIS A 328 10.67 -9.65 12.96
CA HIS A 328 11.69 -8.68 12.60
C HIS A 328 12.32 -8.04 13.84
N LEU A 329 11.49 -7.66 14.81
CA LEU A 329 11.97 -6.93 15.97
C LEU A 329 12.82 -7.80 16.90
N THR A 330 12.71 -9.12 16.82
CA THR A 330 13.40 -10.03 17.73
C THR A 330 14.67 -10.61 17.12
N SER A 331 15.35 -9.86 16.26
CA SER A 331 16.58 -10.34 15.65
C SER A 331 17.35 -9.17 15.04
N ARG A 332 18.67 -9.21 15.23
CA ARG A 332 19.62 -8.39 14.49
C ARG A 332 19.43 -6.89 14.76
N HIS A 333 19.56 -6.52 16.03
CA HIS A 333 19.72 -5.14 16.45
C HIS A 333 20.11 -5.12 17.91
N GLN A 334 20.44 -3.93 18.42
CA GLN A 334 20.95 -3.85 19.81
C GLN A 334 19.92 -4.42 20.77
N GLU A 335 18.67 -3.99 20.66
CA GLU A 335 17.65 -4.41 21.61
C GLU A 335 16.93 -5.67 21.15
N ALA A 336 17.66 -6.63 20.60
CA ALA A 336 17.05 -7.90 20.23
C ALA A 336 16.76 -8.75 21.46
N GLU A 337 17.70 -8.79 22.41
CA GLU A 337 17.46 -9.49 23.66
C GLU A 337 16.34 -8.84 24.45
N MET A 338 16.19 -7.52 24.35
CA MET A 338 15.10 -6.83 25.02
C MET A 338 13.75 -7.23 24.41
N ALA A 339 13.69 -7.31 23.09
CA ALA A 339 12.43 -7.68 22.43
C ALA A 339 12.05 -9.13 22.73
N GLN A 340 13.05 -10.02 22.80
CA GLN A 340 12.76 -11.43 23.08
C GLN A 340 12.18 -11.62 24.47
N ASN A 341 12.73 -10.92 25.48
CA ASN A 341 12.17 -10.99 26.82
C ASN A 341 10.84 -10.27 26.90
N ALA A 342 10.66 -9.20 26.13
CA ALA A 342 9.43 -8.42 26.21
C ALA A 342 8.22 -9.20 25.74
N VAL A 343 8.40 -10.09 24.76
CA VAL A 343 7.28 -10.92 24.29
C VAL A 343 6.78 -11.81 25.42
N ARG A 344 7.69 -12.29 26.27
CA ARG A 344 7.28 -13.10 27.42
C ARG A 344 6.68 -12.23 28.51
N LEU A 345 7.33 -11.11 28.84
CA LEU A 345 6.87 -10.25 29.91
C LEU A 345 5.49 -9.65 29.63
N HIS A 346 5.07 -9.60 28.36
CA HIS A 346 3.76 -9.08 27.98
C HIS A 346 2.83 -10.19 27.52
N TYR A 347 3.10 -11.44 27.91
CA TYR A 347 2.16 -12.56 27.77
C TYR A 347 1.83 -12.81 26.30
N GLY A 348 2.87 -13.10 25.52
CA GLY A 348 2.69 -13.39 24.11
C GLY A 348 2.93 -14.85 23.76
N LEU A 349 3.69 -15.54 24.61
CA LEU A 349 4.02 -16.93 24.33
C LEU A 349 2.82 -17.85 24.21
N PRO A 350 1.76 -17.74 25.02
CA PRO A 350 0.59 -18.63 24.81
C PRO A 350 -0.06 -18.46 23.44
N VAL A 351 -0.32 -17.20 23.03
CA VAL A 351 -0.98 -16.99 21.75
C VAL A 351 -0.03 -17.27 20.59
N VAL A 352 1.28 -17.15 20.81
CA VAL A 352 2.25 -17.49 19.77
C VAL A 352 2.25 -18.99 19.51
N VAL A 353 2.30 -19.78 20.59
CA VAL A 353 2.23 -21.23 20.45
C VAL A 353 0.86 -21.65 19.93
N LYS A 354 -0.21 -20.97 20.37
CA LYS A 354 -1.55 -21.32 19.93
C LYS A 354 -1.73 -21.13 18.43
N LEU A 355 -1.01 -20.18 17.84
CA LEU A 355 -1.11 -19.96 16.40
C LEU A 355 -0.49 -21.09 15.59
N LEU A 356 0.23 -22.01 16.23
CA LEU A 356 0.67 -23.22 15.54
C LEU A 356 -0.45 -24.24 15.41
N HIS A 357 -1.40 -24.22 16.34
CA HIS A 357 -2.58 -25.07 16.23
C HIS A 357 -3.36 -24.72 14.97
N PRO A 358 -4.16 -25.66 14.47
CA PRO A 358 -5.24 -25.30 13.55
C PRO A 358 -6.13 -24.25 14.17
N PRO A 359 -6.88 -23.48 13.37
CA PRO A 359 -7.00 -23.53 11.90
C PRO A 359 -6.03 -22.62 11.17
N SER A 360 -4.84 -22.38 11.70
CA SER A 360 -3.90 -21.48 11.04
C SER A 360 -3.41 -22.07 9.73
N HIS A 361 -3.18 -21.19 8.75
CA HIS A 361 -2.69 -21.59 7.44
C HIS A 361 -1.17 -21.52 7.41
N TRP A 362 -0.59 -21.94 6.29
CA TRP A 362 0.86 -22.08 6.17
C TRP A 362 1.62 -20.75 6.21
N PRO A 363 1.15 -19.68 5.54
CA PRO A 363 1.89 -18.41 5.66
C PRO A 363 1.99 -17.91 7.08
N LEU A 364 0.95 -18.11 7.89
CA LEU A 364 1.03 -17.70 9.29
C LEU A 364 1.89 -18.66 10.10
N ILE A 365 1.82 -19.95 9.79
CA ILE A 365 2.64 -20.94 10.50
C ILE A 365 4.12 -20.71 10.24
N LYS A 366 4.48 -20.38 8.99
CA LYS A 366 5.87 -20.11 8.67
C LYS A 366 6.40 -18.91 9.44
N ALA A 367 5.60 -17.85 9.52
CA ALA A 367 6.02 -16.67 10.27
C ALA A 367 6.07 -16.92 11.76
N THR A 368 5.15 -17.75 12.28
CA THR A 368 5.13 -18.04 13.71
C THR A 368 6.33 -18.88 14.12
N VAL A 369 6.77 -19.79 13.26
CA VAL A 369 7.92 -20.63 13.58
C VAL A 369 9.19 -19.79 13.64
N GLY A 370 9.36 -18.88 12.68
CA GLY A 370 10.54 -18.02 12.68
C GLY A 370 10.62 -17.13 13.90
N LEU A 371 9.47 -16.69 14.42
CA LEU A 371 9.45 -15.89 15.64
C LEU A 371 9.84 -16.73 16.85
N ILE A 372 9.32 -17.96 16.92
CA ILE A 372 9.67 -18.85 18.03
C ILE A 372 11.16 -19.15 18.04
N ARG A 373 11.75 -19.35 16.86
CA ARG A 373 13.19 -19.55 16.78
C ARG A 373 13.95 -18.35 17.34
N ASN A 374 13.45 -17.14 17.07
CA ASN A 374 14.08 -15.95 17.63
C ASN A 374 13.86 -15.86 19.14
N LEU A 375 12.65 -16.20 19.60
CA LEU A 375 12.37 -16.15 21.03
C LEU A 375 13.12 -17.24 21.78
N ALA A 376 13.43 -18.36 21.11
CA ALA A 376 14.17 -19.43 21.75
C ALA A 376 15.62 -19.04 22.03
N LEU A 377 16.12 -17.99 21.38
CA LEU A 377 17.47 -17.51 21.67
C LEU A 377 17.60 -16.99 23.08
N CYS A 378 16.53 -16.43 23.63
CA CYS A 378 16.54 -15.96 25.02
C CYS A 378 16.39 -17.16 25.95
N PRO A 379 17.34 -17.40 26.85
CA PRO A 379 17.25 -18.59 27.72
C PRO A 379 16.04 -18.59 28.63
N ALA A 380 15.54 -17.43 29.02
CA ALA A 380 14.37 -17.36 29.90
C ALA A 380 13.09 -17.82 29.22
N ASN A 381 13.12 -18.06 27.90
CA ASN A 381 11.96 -18.53 27.17
C ASN A 381 11.97 -20.04 26.96
N HIS A 382 13.03 -20.74 27.38
CA HIS A 382 13.11 -22.18 27.14
C HIS A 382 12.04 -22.93 27.92
N ALA A 383 11.87 -22.61 29.20
CA ALA A 383 10.84 -23.29 30.00
C ALA A 383 9.43 -22.86 29.63
N PRO A 384 9.11 -21.56 29.50
CA PRO A 384 7.72 -21.20 29.14
C PRO A 384 7.29 -21.73 27.78
N LEU A 385 8.20 -21.80 26.81
CA LEU A 385 7.84 -22.39 25.52
C LEU A 385 7.56 -23.89 25.65
N ARG A 386 8.31 -24.57 26.53
CA ARG A 386 8.06 -25.99 26.74
C ARG A 386 6.74 -26.21 27.47
N GLU A 387 6.47 -25.42 28.51
CA GLU A 387 5.27 -25.59 29.30
C GLU A 387 4.00 -25.16 28.56
N GLN A 388 4.13 -24.48 27.43
CA GLN A 388 2.99 -24.13 26.60
C GLN A 388 2.74 -25.14 25.49
N GLY A 389 3.60 -26.15 25.34
CA GLY A 389 3.39 -27.17 24.34
C GLY A 389 3.90 -26.82 22.96
N ALA A 390 5.04 -26.14 22.88
CA ALA A 390 5.58 -25.76 21.58
C ALA A 390 6.33 -26.91 20.91
N ILE A 391 7.06 -27.70 21.70
CA ILE A 391 7.86 -28.78 21.13
C ILE A 391 7.02 -29.82 20.40
N PRO A 392 5.93 -30.35 20.98
CA PRO A 392 5.17 -31.39 20.26
C PRO A 392 4.62 -30.96 18.90
N ARG A 393 4.29 -29.67 18.77
CA ARG A 393 3.70 -29.17 17.49
C ARG A 393 4.82 -28.81 16.52
N LEU A 394 5.92 -28.24 17.01
CA LEU A 394 7.05 -27.96 16.15
C LEU A 394 7.53 -29.24 15.48
N VAL A 395 7.43 -30.37 16.20
CA VAL A 395 7.75 -31.66 15.61
C VAL A 395 6.64 -32.11 14.67
N GLN A 396 5.38 -31.89 15.04
CA GLN A 396 4.31 -32.39 14.19
C GLN A 396 4.24 -31.63 12.88
N LEU A 397 4.49 -30.32 12.91
CA LEU A 397 4.57 -29.57 11.66
C LEU A 397 5.78 -30.01 10.84
N LEU A 398 6.89 -30.32 11.52
CA LEU A 398 8.09 -30.77 10.82
C LEU A 398 7.84 -32.10 10.11
N VAL A 399 7.08 -32.99 10.74
CA VAL A 399 6.77 -34.28 10.11
C VAL A 399 5.89 -34.08 8.89
N ARG A 400 4.90 -33.18 8.99
CA ARG A 400 4.00 -32.93 7.87
C ARG A 400 4.76 -32.33 6.69
N ALA A 401 5.68 -31.39 6.95
CA ALA A 401 6.47 -30.79 5.89
C ALA A 401 7.46 -31.78 5.28
N HIS A 402 7.86 -32.80 6.04
CA HIS A 402 8.77 -33.81 5.50
C HIS A 402 8.05 -34.78 4.56
N GLN A 403 6.75 -34.99 4.77
CA GLN A 403 6.01 -35.89 3.89
C GLN A 403 5.78 -35.27 2.52
N ASP A 404 5.67 -33.95 2.48
CA ASP A 404 5.37 -33.27 1.20
C ASP A 404 6.68 -32.75 0.60
N THR A 405 7.77 -33.51 0.74
CA THR A 405 9.10 -33.03 0.26
C THR A 405 10.06 -34.22 0.19
N GLN A 406 9.92 -35.19 1.09
CA GLN A 406 10.77 -36.40 1.06
C GLN A 406 10.86 -36.94 -0.37
N VAL A 419 2.96 -25.15 -1.14
CA VAL A 419 1.57 -25.17 -0.74
C VAL A 419 1.18 -23.80 -0.19
N GLU A 420 0.13 -23.21 -0.75
CA GLU A 420 -0.36 -21.89 -0.34
C GLU A 420 0.73 -20.84 -0.43
N GLY A 421 1.59 -20.96 -1.44
CA GLY A 421 2.70 -20.04 -1.61
C GLY A 421 3.84 -20.21 -0.64
N VAL A 422 3.89 -21.33 0.08
CA VAL A 422 4.92 -21.58 1.08
C VAL A 422 5.69 -22.83 0.68
N ARG A 423 7.00 -22.68 0.49
CA ARG A 423 7.84 -23.84 0.21
C ARG A 423 7.97 -24.68 1.47
N MET A 424 7.68 -25.98 1.34
CA MET A 424 7.68 -26.87 2.50
C MET A 424 9.06 -27.14 3.05
N GLU A 425 10.13 -26.77 2.32
CA GLU A 425 11.47 -26.87 2.86
C GLU A 425 11.79 -25.75 3.83
N GLU A 426 11.20 -24.57 3.63
CA GLU A 426 11.36 -23.48 4.59
C GLU A 426 10.71 -23.83 5.91
N ILE A 427 9.64 -24.63 5.89
CA ILE A 427 9.04 -25.12 7.13
C ILE A 427 9.96 -26.13 7.81
N VAL A 428 10.59 -27.00 7.01
CA VAL A 428 11.51 -27.99 7.56
C VAL A 428 12.72 -27.29 8.17
N GLU A 429 13.29 -26.32 7.45
CA GLU A 429 14.43 -25.59 7.98
C GLU A 429 14.06 -24.78 9.21
N GLY A 430 12.86 -24.20 9.21
CA GLY A 430 12.46 -23.36 10.33
C GLY A 430 12.12 -24.15 11.57
N CYS A 431 11.35 -25.23 11.41
CA CYS A 431 10.95 -26.04 12.56
C CYS A 431 12.16 -26.69 13.22
N THR A 432 13.07 -27.25 12.43
CA THR A 432 14.28 -27.85 12.99
C THR A 432 15.19 -26.79 13.61
N GLY A 433 15.20 -25.58 13.04
CA GLY A 433 16.01 -24.53 13.61
C GLY A 433 15.55 -24.10 14.98
N ALA A 434 14.23 -24.06 15.20
CA ALA A 434 13.71 -23.76 16.53
C ALA A 434 14.02 -24.87 17.51
N LEU A 435 13.83 -26.13 17.09
CA LEU A 435 14.18 -27.25 17.95
C LEU A 435 15.68 -27.31 18.22
N HIS A 436 16.50 -26.90 17.25
CA HIS A 436 17.95 -26.89 17.45
C HIS A 436 18.33 -25.90 18.55
N ILE A 437 17.63 -24.77 18.63
CA ILE A 437 17.93 -23.77 19.66
C ILE A 437 17.24 -24.14 20.96
N LEU A 438 16.05 -24.70 20.90
CA LEU A 438 15.37 -25.15 22.11
C LEU A 438 16.12 -26.28 22.80
N ALA A 439 16.90 -27.05 22.04
CA ALA A 439 17.64 -28.18 22.60
C ALA A 439 18.79 -27.74 23.50
N ARG A 440 19.05 -26.45 23.64
CA ARG A 440 20.08 -26.00 24.57
C ARG A 440 19.69 -26.26 26.02
N ASP A 441 18.41 -26.45 26.30
CA ASP A 441 17.94 -26.75 27.65
C ASP A 441 17.89 -28.26 27.86
N VAL A 442 18.28 -28.69 29.06
CA VAL A 442 18.34 -30.12 29.35
C VAL A 442 16.94 -30.73 29.32
N HIS A 443 15.98 -30.07 29.96
CA HIS A 443 14.62 -30.61 30.03
C HIS A 443 13.96 -30.62 28.66
N ASN A 444 14.35 -29.70 27.78
CA ASN A 444 13.79 -29.71 26.43
C ASN A 444 14.25 -30.94 25.65
N ARG A 445 15.52 -31.33 25.79
CA ARG A 445 16.03 -32.48 25.07
C ARG A 445 15.33 -33.76 25.46
N ILE A 446 14.86 -33.85 26.72
CA ILE A 446 14.09 -35.01 27.15
C ILE A 446 12.79 -35.09 26.37
N VAL A 447 12.15 -33.95 26.12
CA VAL A 447 10.89 -33.94 25.39
C VAL A 447 11.12 -34.21 23.91
N ILE A 448 12.18 -33.65 23.34
CA ILE A 448 12.45 -33.83 21.91
C ILE A 448 12.78 -35.30 21.61
N ARG A 449 13.47 -35.97 22.53
CA ARG A 449 13.82 -37.37 22.31
C ARG A 449 12.61 -38.28 22.44
N GLY A 450 11.69 -37.96 23.35
CA GLY A 450 10.51 -38.77 23.61
C GLY A 450 9.46 -38.78 22.54
N LEU A 451 9.70 -38.15 21.39
CA LEU A 451 8.73 -38.10 20.29
C LEU A 451 9.26 -38.74 19.02
N ASN A 452 10.27 -39.62 19.14
CA ASN A 452 10.82 -40.35 18.00
C ASN A 452 11.31 -39.40 16.90
N THR A 453 12.02 -38.35 17.31
CA THR A 453 12.53 -37.37 16.37
C THR A 453 13.92 -37.70 15.85
N ILE A 454 14.67 -38.54 16.56
CA ILE A 454 16.04 -38.86 16.12
C ILE A 454 16.06 -39.53 14.76
N PRO A 455 15.21 -40.52 14.45
CA PRO A 455 15.21 -41.05 13.08
C PRO A 455 14.91 -39.99 12.02
N LEU A 456 13.99 -39.07 12.30
CA LEU A 456 13.66 -38.03 11.33
C LEU A 456 14.84 -37.08 11.11
N PHE A 457 15.54 -36.71 12.19
CA PHE A 457 16.68 -35.81 12.05
C PHE A 457 17.81 -36.44 11.25
N VAL A 458 17.99 -37.76 11.39
CA VAL A 458 19.03 -38.45 10.63
C VAL A 458 18.70 -38.41 9.14
N GLN A 459 17.43 -38.58 8.77
CA GLN A 459 17.06 -38.54 7.36
C GLN A 459 17.17 -37.13 6.77
N LEU A 460 17.18 -36.10 7.63
CA LEU A 460 17.39 -34.74 7.15
C LEU A 460 18.84 -34.46 6.82
N LEU A 461 19.77 -35.32 7.22
CA LEU A 461 21.17 -35.16 6.85
C LEU A 461 21.39 -35.40 5.36
N TYR A 462 20.52 -36.17 4.71
CA TYR A 462 20.61 -36.42 3.28
C TYR A 462 19.94 -35.33 2.45
N SER A 463 19.44 -34.28 3.08
CA SER A 463 18.77 -33.21 2.35
C SER A 463 19.78 -32.48 1.46
N PRO A 464 19.37 -32.07 0.26
CA PRO A 464 20.32 -31.36 -0.63
C PRO A 464 20.57 -29.93 -0.23
N ILE A 465 19.76 -29.35 0.66
CA ILE A 465 19.89 -27.96 1.07
C ILE A 465 20.84 -27.88 2.27
N GLU A 466 21.82 -26.99 2.19
CA GLU A 466 22.85 -26.91 3.22
C GLU A 466 22.27 -26.45 4.55
N ASN A 467 21.40 -25.44 4.53
CA ASN A 467 20.85 -24.90 5.77
C ASN A 467 20.00 -25.94 6.51
N ILE A 468 19.43 -26.89 5.78
CA ILE A 468 18.72 -27.99 6.44
C ILE A 468 19.71 -28.99 7.01
N GLN A 469 20.80 -29.24 6.29
CA GLN A 469 21.86 -30.10 6.83
C GLN A 469 22.49 -29.50 8.07
N ARG A 470 22.67 -28.17 8.08
CA ARG A 470 23.32 -27.51 9.21
C ARG A 470 22.46 -27.59 10.47
N VAL A 471 21.15 -27.44 10.33
CA VAL A 471 20.29 -27.45 11.51
C VAL A 471 19.98 -28.88 11.95
N ALA A 472 19.96 -29.84 11.03
CA ALA A 472 19.74 -31.23 11.42
C ALA A 472 20.93 -31.76 12.22
N ALA A 473 22.15 -31.49 11.75
CA ALA A 473 23.33 -31.86 12.51
C ALA A 473 23.45 -31.02 13.78
N GLY A 474 22.87 -29.81 13.78
CA GLY A 474 22.91 -28.99 14.97
C GLY A 474 22.04 -29.54 16.09
N VAL A 475 20.84 -29.98 15.76
CA VAL A 475 19.95 -30.55 16.78
C VAL A 475 20.43 -31.94 17.18
N LEU A 476 21.10 -32.66 16.27
CA LEU A 476 21.70 -33.93 16.65
C LEU A 476 22.92 -33.74 17.52
N CYS A 477 23.68 -32.66 17.31
CA CYS A 477 24.80 -32.36 18.19
C CYS A 477 24.33 -32.02 19.59
N GLU A 478 23.23 -31.28 19.71
CA GLU A 478 22.71 -30.92 21.02
C GLU A 478 22.15 -32.14 21.74
N LEU A 479 21.47 -33.02 21.01
CA LEU A 479 20.92 -34.23 21.62
C LEU A 479 22.00 -35.26 21.94
N ALA A 480 23.18 -35.14 21.34
CA ALA A 480 24.21 -36.18 21.47
C ALA A 480 24.95 -36.14 22.80
N GLN A 481 24.85 -35.05 23.56
CA GLN A 481 25.53 -35.01 24.85
C GLN A 481 24.87 -35.92 25.88
N ASP A 482 23.64 -36.36 25.62
CA ASP A 482 23.04 -37.45 26.38
C ASP A 482 23.61 -38.77 25.87
N LYS A 483 24.21 -39.55 26.78
CA LYS A 483 24.99 -40.72 26.34
C LYS A 483 24.12 -41.74 25.63
N GLU A 484 22.95 -42.06 26.19
CA GLU A 484 22.06 -43.01 25.54
C GLU A 484 21.50 -42.48 24.24
N ALA A 485 21.51 -41.16 24.04
CA ALA A 485 21.01 -40.59 22.80
C ALA A 485 22.04 -40.72 21.67
N ALA A 486 23.33 -40.59 22.01
CA ALA A 486 24.37 -40.72 21.00
C ALA A 486 24.39 -42.12 20.39
N GLU A 487 23.93 -43.12 21.15
CA GLU A 487 23.89 -44.48 20.61
C GLU A 487 22.69 -44.67 19.69
N ALA A 488 21.55 -44.08 20.03
CA ALA A 488 20.39 -44.17 19.15
C ALA A 488 20.66 -43.49 17.81
N ILE A 489 21.42 -42.39 17.84
CA ILE A 489 21.82 -41.75 16.60
C ILE A 489 22.76 -42.63 15.81
N GLU A 490 23.71 -43.29 16.50
CA GLU A 490 24.60 -44.23 15.83
C GLU A 490 23.86 -45.45 15.34
N ALA A 491 22.82 -45.88 16.05
CA ALA A 491 22.06 -47.06 15.64
C ALA A 491 21.24 -46.79 14.37
N GLU A 492 20.86 -45.54 14.14
CA GLU A 492 20.09 -45.17 12.96
C GLU A 492 20.97 -44.98 11.72
N GLY A 493 22.26 -45.27 11.82
CA GLY A 493 23.14 -45.15 10.67
C GLY A 493 23.47 -43.72 10.28
N ALA A 494 23.69 -42.85 11.26
CA ALA A 494 24.04 -41.47 10.96
C ALA A 494 25.53 -41.29 10.69
N THR A 495 26.36 -42.27 11.04
CA THR A 495 27.80 -42.14 10.85
C THR A 495 28.15 -41.94 9.37
N ALA A 496 27.40 -42.58 8.47
CA ALA A 496 27.74 -42.46 7.05
C ALA A 496 27.47 -41.07 6.50
N PRO A 497 26.29 -40.47 6.66
CA PRO A 497 26.10 -39.10 6.13
C PRO A 497 26.91 -38.06 6.89
N LEU A 498 27.13 -38.25 8.19
CA LEU A 498 27.91 -37.29 8.96
C LEU A 498 29.36 -37.22 8.47
N THR A 499 29.96 -38.39 8.21
CA THR A 499 31.30 -38.41 7.65
C THR A 499 31.33 -37.76 6.27
N GLU A 500 30.23 -37.87 5.51
CA GLU A 500 30.15 -37.16 4.24
C GLU A 500 30.11 -35.66 4.47
N LEU A 501 29.27 -35.20 5.39
CA LEU A 501 29.15 -33.77 5.68
C LEU A 501 30.39 -33.19 6.33
N LEU A 502 31.36 -34.03 6.72
CA LEU A 502 32.62 -33.51 7.24
C LEU A 502 33.38 -32.73 6.17
N HIS A 503 33.30 -33.17 4.92
CA HIS A 503 33.99 -32.54 3.81
C HIS A 503 33.20 -31.39 3.18
N SER A 504 32.17 -30.90 3.88
CA SER A 504 31.34 -29.85 3.32
C SER A 504 32.10 -28.52 3.30
N ARG A 505 31.84 -27.72 2.27
CA ARG A 505 32.46 -26.41 2.16
C ARG A 505 31.84 -25.42 3.12
N ASN A 506 30.55 -25.60 3.43
CA ASN A 506 29.89 -24.83 4.47
C ASN A 506 30.50 -25.19 5.82
N GLU A 507 31.14 -24.20 6.47
CA GLU A 507 31.82 -24.48 7.72
C GLU A 507 30.84 -24.83 8.83
N GLY A 508 29.61 -24.32 8.77
CA GLY A 508 28.63 -24.64 9.79
C GLY A 508 28.20 -26.09 9.76
N VAL A 509 28.07 -26.66 8.56
CA VAL A 509 27.66 -28.06 8.44
C VAL A 509 28.79 -28.98 8.92
N ALA A 510 30.02 -28.70 8.48
CA ALA A 510 31.15 -29.54 8.86
C ALA A 510 31.47 -29.43 10.35
N THR A 511 31.12 -28.31 10.98
CA THR A 511 31.40 -28.14 12.39
C THR A 511 30.45 -28.99 13.24
N TYR A 512 29.15 -28.95 12.92
CA TYR A 512 28.19 -29.77 13.66
C TYR A 512 28.34 -31.25 13.32
N ALA A 513 28.77 -31.57 12.09
CA ALA A 513 28.96 -32.96 11.72
C ALA A 513 30.12 -33.59 12.48
N ALA A 514 31.20 -32.84 12.69
CA ALA A 514 32.31 -33.33 13.50
C ALA A 514 31.91 -33.45 14.97
N ALA A 515 30.97 -32.62 15.42
CA ALA A 515 30.58 -32.64 16.83
C ALA A 515 29.77 -33.89 17.17
N VAL A 516 28.87 -34.30 16.28
CA VAL A 516 28.08 -35.49 16.55
C VAL A 516 28.98 -36.72 16.55
N LEU A 517 29.84 -36.84 15.54
CA LEU A 517 30.77 -37.96 15.47
C LEU A 517 31.64 -38.04 16.72
N PHE A 518 32.03 -36.88 17.26
CA PHE A 518 32.86 -36.87 18.45
C PHE A 518 32.09 -37.33 19.68
N ARG A 519 30.82 -36.94 19.79
CA ARG A 519 30.03 -37.29 20.96
C ARG A 519 29.44 -38.69 20.88
N MET A 520 29.37 -39.29 19.69
CA MET A 520 28.94 -40.68 19.59
C MET A 520 29.97 -41.64 20.18
N SER A 521 31.15 -41.15 20.54
CA SER A 521 32.15 -41.93 21.24
C SER A 521 32.55 -41.23 22.53
N HIS B 3 -20.87 12.68 0.37
CA HIS B 3 -20.43 12.31 -0.96
C HIS B 3 -21.61 12.48 -1.93
N ARG B 4 -21.77 11.55 -2.87
CA ARG B 4 -22.84 11.65 -3.89
C ARG B 4 -22.61 12.94 -4.69
N CYS B 5 -23.62 13.82 -4.74
CA CYS B 5 -23.46 15.09 -5.45
C CYS B 5 -22.73 16.07 -4.55
N GLU B 6 -21.48 15.73 -4.23
CA GLU B 6 -20.61 16.62 -3.48
C GLU B 6 -19.67 17.41 -4.36
N TRP B 7 -19.46 16.97 -5.59
CA TRP B 7 -18.65 17.75 -6.52
C TRP B 7 -19.43 18.91 -7.12
N ALA B 8 -20.75 18.75 -7.26
CA ALA B 8 -21.58 19.82 -7.81
C ALA B 8 -21.66 21.00 -6.85
N ALA B 9 -21.72 20.73 -5.53
CA ALA B 9 -21.70 21.82 -4.56
C ALA B 9 -20.37 22.54 -4.57
N LEU B 10 -19.26 21.81 -4.77
CA LEU B 10 -17.95 22.43 -4.86
C LEU B 10 -17.81 23.20 -6.16
N HIS B 11 -18.26 22.62 -7.28
CA HIS B 11 -18.26 23.33 -8.55
C HIS B 11 -19.02 24.64 -8.45
N CYS B 12 -20.15 24.63 -7.72
CA CYS B 12 -21.00 25.81 -7.62
C CYS B 12 -20.29 26.93 -6.85
N GLU B 13 -19.63 26.58 -5.74
CA GLU B 13 -19.01 27.61 -4.91
C GLU B 13 -17.76 28.19 -5.58
N LEU B 14 -17.09 27.42 -6.43
CA LEU B 14 -15.88 27.90 -7.09
C LEU B 14 -16.20 28.89 -8.21
N VAL B 15 -17.08 28.51 -9.12
CA VAL B 15 -17.44 29.37 -10.25
C VAL B 15 -18.40 30.47 -9.81
N NH2 B 16 -18.74 30.49 -8.52
P PO4 C . 7.44 -2.91 25.51
O1 PO4 C . 8.40 -1.86 25.04
O2 PO4 C . 6.87 -2.51 26.84
O3 PO4 C . 8.17 -4.23 25.67
O4 PO4 C . 6.33 -3.08 24.51
C1 GOL D . 4.00 -15.80 28.58
O1 GOL D . 4.74 -14.64 28.75
C2 GOL D . 4.36 -16.76 29.74
O2 GOL D . 3.80 -16.36 30.94
C3 GOL D . 3.85 -18.15 29.28
O3 GOL D . 4.15 -19.04 30.30
C1 GOL E . 12.00 -5.55 28.77
O1 GOL E . 11.76 -6.67 27.98
C2 GOL E . 10.82 -4.58 28.54
O2 GOL E . 9.63 -5.04 29.09
C3 GOL E . 11.28 -3.23 29.15
O3 GOL E . 10.29 -2.30 28.86
C1 GOL F . 22.32 -12.32 24.17
O1 GOL F . 22.74 -12.49 22.84
C2 GOL F . 23.04 -11.08 24.72
O2 GOL F . 22.59 -9.91 24.15
C3 GOL F . 22.80 -11.12 26.25
O3 GOL F . 22.00 -10.02 26.56
C1 GOL G . -3.67 -25.51 5.80
O1 GOL G . -2.81 -24.43 5.58
C2 GOL G . -2.81 -26.65 6.40
O2 GOL G . -3.48 -27.87 6.40
C3 GOL G . -2.46 -26.18 7.82
O3 GOL G . -1.56 -27.11 8.35
C1 GOL H . 6.14 -15.57 5.82
O1 GOL H . 4.92 -15.27 6.43
C2 GOL H . 7.13 -14.44 6.19
O2 GOL H . 6.50 -13.20 6.25
C3 GOL H . 7.75 -14.86 7.54
O3 GOL H . 8.22 -13.71 8.16
C1 GOL I . -8.54 -7.53 7.82
O1 GOL I . -8.70 -6.15 7.67
C2 GOL I . -9.44 -7.96 9.00
O2 GOL I . -10.79 -7.76 8.72
C3 GOL I . -9.11 -9.45 9.24
O3 GOL I . -9.45 -10.13 8.06
CA WHL J . -25.19 22.47 -4.42
CB WHL J . -25.55 21.15 -4.18
NB WHL J . -26.64 19.12 -4.73
OB WHL J . -24.88 25.22 -3.72
CG WHL J . -24.94 25.41 -4.93
CD WHL J . -26.78 21.10 -6.21
CE WHL J . -26.43 22.43 -6.46
CH WHL J . -24.64 26.77 -5.50
CC WHL J . -26.35 20.43 -5.06
CF WHL J . -25.63 23.14 -5.56
CJ WHL J . -27.39 18.24 -5.43
CK WHL J . -27.60 16.84 -4.91
NA WHL J . -25.29 24.48 -5.84
OA WHL J . -27.92 18.52 -6.49
#